data_6GQQ
#
_entry.id   6GQQ
#
_cell.length_a   52.690
_cell.length_b   56.540
_cell.length_c   61.380
_cell.angle_alpha   90.00
_cell.angle_beta   110.24
_cell.angle_gamma   90.00
#
_symmetry.space_group_name_H-M   'P 1 21 1'
#
loop_
_entity.id
_entity.type
_entity.pdbx_description
1 polymer 'Vascular endothelial growth factor receptor 2'
2 non-polymer ~{N}-[4-(6,7-dimethoxyquinazolin-4-yl)oxyphenyl]-2-(4-propan-2-yl-1,2,3-triazol-1-yl)ethanamide
3 water water
#
_entity_poly.entity_id   1
_entity_poly.type   'polypeptide(L)'
_entity_poly.pdbx_seq_one_letter_code
;MDPDELPLDEHCERLPYDASKWEFPRDRLKLGKPLGRGAFGQVIEADAFGIDKTATCRTVAVKMLKEGATHSEHRALMSE
LKILIHIGHHLNVVNLLGACTKPGGPLMVIVEFCKFGNLSTYLRSKRNEFVPYKVAPEDLYKDFLTLEHLICYSFQVAKG
MEFLASRKCIHRDLAARNILLSEKNVVKICDFGLARDIYKDPDYVRKGDARLPLKWMAPETIFDRVYTIQSDVWSFGVLL
WEIFSLGASPYPGVKIDEEFCRRLKEGTRMRAPDYTTPEMYQTMLDCWHGEPSQRPTFSELVEHLGNLLQANAQQDENLY
FQ
;
_entity_poly.pdbx_strand_id   A
#
loop_
_chem_comp.id
_chem_comp.type
_chem_comp.name
_chem_comp.formula
F8B non-polymer ~{N}-[4-(6,7-dimethoxyquinazolin-4-yl)oxyphenyl]-2-(4-propan-2-yl-1,2,3-triazol-1-yl)ethanamide 'C23 H24 N6 O4'
#
# COMPACT_ATOMS: atom_id res chain seq x y z
N LEU A 8 -15.59 -8.94 5.53
CA LEU A 8 -15.96 -9.94 4.52
C LEU A 8 -14.73 -10.67 3.94
N ASP A 9 -13.53 -10.12 4.16
CA ASP A 9 -12.26 -10.65 3.65
C ASP A 9 -11.67 -11.80 4.49
N GLU A 10 -12.42 -12.28 5.50
CA GLU A 10 -12.03 -13.39 6.37
C GLU A 10 -12.60 -14.73 5.87
N HIS A 11 -13.56 -14.67 4.92
CA HIS A 11 -14.23 -15.85 4.37
C HIS A 11 -14.29 -15.72 2.84
N CYS A 12 -13.13 -15.49 2.20
CA CYS A 12 -12.99 -15.29 0.75
C CYS A 12 -13.43 -16.46 -0.11
N GLU A 13 -13.27 -17.71 0.39
CA GLU A 13 -13.51 -18.93 -0.38
C GLU A 13 -14.93 -19.08 -0.93
N ARG A 14 -15.93 -18.41 -0.31
CA ARG A 14 -17.33 -18.50 -0.77
C ARG A 14 -17.70 -17.44 -1.81
N LEU A 15 -16.76 -16.53 -2.13
CA LEU A 15 -16.97 -15.46 -3.10
C LEU A 15 -16.91 -15.98 -4.55
N PRO A 16 -17.61 -15.33 -5.51
CA PRO A 16 -17.61 -15.86 -6.89
C PRO A 16 -16.42 -15.50 -7.77
N TYR A 17 -16.08 -16.40 -8.72
CA TYR A 17 -15.12 -16.09 -9.79
C TYR A 17 -15.84 -16.26 -11.12
N ASP A 18 -16.26 -15.14 -11.74
CA ASP A 18 -16.98 -15.17 -13.02
C ASP A 18 -15.97 -15.15 -14.19
N ALA A 19 -15.62 -16.35 -14.71
CA ALA A 19 -14.66 -16.52 -15.81
C ALA A 19 -15.10 -15.81 -17.09
N SER A 20 -16.41 -15.82 -17.40
CA SER A 20 -16.94 -15.15 -18.60
C SER A 20 -16.57 -13.66 -18.68
N LYS A 21 -16.33 -13.02 -17.52
CA LYS A 21 -15.95 -11.62 -17.43
C LYS A 21 -14.43 -11.39 -17.26
N TRP A 22 -13.78 -12.14 -16.36
CA TRP A 22 -12.39 -11.85 -15.98
C TRP A 22 -11.31 -12.68 -16.66
N GLU A 23 -11.65 -13.86 -17.20
CA GLU A 23 -10.64 -14.74 -17.79
C GLU A 23 -9.97 -14.14 -19.01
N PHE A 24 -8.63 -14.11 -19.01
CA PHE A 24 -7.82 -13.55 -20.11
C PHE A 24 -6.98 -14.69 -20.73
N PRO A 25 -7.00 -14.88 -22.06
CA PRO A 25 -6.20 -15.98 -22.65
C PRO A 25 -4.70 -15.82 -22.45
N ARG A 26 -3.99 -16.91 -22.02
CA ARG A 26 -2.55 -16.86 -21.77
C ARG A 26 -1.75 -16.43 -23.03
N ASP A 27 -2.24 -16.77 -24.23
CA ASP A 27 -1.57 -16.42 -25.50
C ASP A 27 -1.66 -14.93 -25.86
N ARG A 28 -2.38 -14.14 -25.07
N ARG A 28 -2.38 -14.13 -25.07
CA ARG A 28 -2.52 -12.69 -25.30
CA ARG A 28 -2.52 -12.69 -25.30
C ARG A 28 -1.69 -11.87 -24.30
C ARG A 28 -1.65 -11.87 -24.33
N LEU A 29 -0.91 -12.58 -23.46
CA LEU A 29 -0.05 -11.98 -22.45
C LEU A 29 1.41 -12.33 -22.75
N LYS A 30 2.26 -11.30 -23.03
CA LYS A 30 3.70 -11.46 -23.28
C LYS A 30 4.49 -11.06 -22.01
N LEU A 31 5.04 -12.06 -21.29
CA LEU A 31 5.78 -11.83 -20.06
C LEU A 31 7.16 -11.22 -20.30
N GLY A 32 7.46 -10.21 -19.49
CA GLY A 32 8.72 -9.48 -19.50
C GLY A 32 9.57 -9.78 -18.29
N LYS A 33 10.32 -8.77 -17.83
CA LYS A 33 11.27 -8.88 -16.72
C LYS A 33 10.59 -8.87 -15.34
N PRO A 34 11.15 -9.61 -14.34
CA PRO A 34 10.59 -9.55 -12.99
C PRO A 34 10.80 -8.18 -12.38
N LEU A 35 9.82 -7.71 -11.61
CA LEU A 35 9.84 -6.41 -10.92
C LEU A 35 10.22 -6.62 -9.45
N GLY A 36 9.72 -7.70 -8.86
CA GLY A 36 9.99 -8.07 -7.47
C GLY A 36 9.77 -9.56 -7.24
N ARG A 37 10.54 -10.12 -6.29
CA ARG A 37 10.46 -11.54 -5.94
C ARG A 37 10.42 -11.73 -4.44
N GLY A 38 9.62 -12.69 -4.01
CA GLY A 38 9.50 -13.13 -2.63
C GLY A 38 10.09 -14.52 -2.55
N ALA A 39 9.71 -15.29 -1.53
CA ALA A 39 10.18 -16.68 -1.42
C ALA A 39 9.23 -17.56 -2.23
N PHE A 40 7.93 -17.18 -2.30
CA PHE A 40 6.94 -18.02 -2.98
C PHE A 40 6.18 -17.31 -4.10
N GLY A 41 6.19 -15.99 -4.09
CA GLY A 41 5.47 -15.21 -5.10
C GLY A 41 6.37 -14.23 -5.84
N GLN A 42 5.86 -13.64 -6.95
CA GLN A 42 6.66 -12.68 -7.71
C GLN A 42 5.71 -11.76 -8.49
N VAL A 43 6.21 -10.58 -8.87
CA VAL A 43 5.52 -9.63 -9.76
C VAL A 43 6.39 -9.46 -11.01
N ILE A 44 5.77 -9.64 -12.19
CA ILE A 44 6.45 -9.57 -13.50
C ILE A 44 5.80 -8.48 -14.35
N GLU A 45 6.62 -7.71 -15.11
CA GLU A 45 6.10 -6.73 -16.06
C GLU A 45 5.64 -7.52 -17.29
N ALA A 46 4.54 -7.11 -17.94
CA ALA A 46 4.09 -7.81 -19.15
C ALA A 46 3.38 -6.87 -20.12
N ASP A 47 3.20 -7.34 -21.38
CA ASP A 47 2.44 -6.61 -22.38
C ASP A 47 1.19 -7.45 -22.66
N ALA A 48 0.01 -6.85 -22.41
CA ALA A 48 -1.27 -7.51 -22.61
C ALA A 48 -1.95 -6.97 -23.87
N PHE A 49 -2.40 -7.88 -24.74
CA PHE A 49 -3.04 -7.42 -25.98
C PHE A 49 -4.56 -7.38 -25.83
N GLY A 50 -5.14 -6.18 -25.82
CA GLY A 50 -6.57 -5.95 -25.71
C GLY A 50 -7.21 -6.32 -24.39
N ILE A 51 -6.52 -6.10 -23.25
CA ILE A 51 -7.13 -6.45 -21.95
C ILE A 51 -8.25 -5.45 -21.55
N ASP A 52 -8.14 -4.16 -21.95
CA ASP A 52 -9.10 -3.09 -21.57
C ASP A 52 -9.68 -2.27 -22.73
N LYS A 53 -8.97 -2.21 -23.86
CA LYS A 53 -9.39 -1.47 -25.06
C LYS A 53 -9.12 -2.42 -26.22
N THR A 54 -10.10 -2.59 -27.13
CA THR A 54 -9.96 -3.54 -28.24
C THR A 54 -8.65 -3.36 -29.02
N ALA A 55 -7.94 -4.49 -29.23
CA ALA A 55 -6.71 -4.58 -30.04
C ALA A 55 -5.62 -3.58 -29.67
N THR A 56 -5.54 -3.20 -28.38
CA THR A 56 -4.57 -2.24 -27.91
C THR A 56 -3.56 -2.89 -26.96
N CYS A 57 -2.26 -2.71 -27.24
CA CYS A 57 -1.18 -3.20 -26.35
C CYS A 57 -1.17 -2.32 -25.10
N ARG A 58 -1.00 -2.95 -23.92
CA ARG A 58 -0.95 -2.24 -22.65
C ARG A 58 0.07 -2.88 -21.72
N THR A 59 0.96 -2.07 -21.10
CA THR A 59 1.90 -2.59 -20.10
C THR A 59 1.07 -2.84 -18.83
N VAL A 60 1.26 -4.04 -18.21
CA VAL A 60 0.54 -4.44 -17.00
C VAL A 60 1.54 -5.06 -16.01
N ALA A 61 1.12 -5.28 -14.75
CA ALA A 61 1.94 -6.02 -13.78
C ALA A 61 1.19 -7.33 -13.48
N VAL A 62 1.92 -8.44 -13.34
CA VAL A 62 1.27 -9.74 -13.11
C VAL A 62 1.79 -10.36 -11.82
N LYS A 63 0.89 -10.69 -10.86
CA LYS A 63 1.30 -11.42 -9.65
C LYS A 63 1.09 -12.91 -9.89
N MET A 64 2.11 -13.72 -9.61
CA MET A 64 2.03 -15.17 -9.81
C MET A 64 2.99 -15.86 -8.82
N LEU A 65 2.99 -17.20 -8.79
CA LEU A 65 3.86 -17.93 -7.89
C LEU A 65 5.21 -18.31 -8.54
N LYS A 66 6.16 -18.83 -7.75
CA LYS A 66 7.47 -19.21 -8.25
C LYS A 66 7.96 -20.47 -7.52
N GLU A 67 9.16 -20.96 -7.90
CA GLU A 67 9.78 -22.12 -7.26
C GLU A 67 9.78 -21.97 -5.73
N GLY A 68 9.22 -22.96 -5.03
CA GLY A 68 9.09 -22.94 -3.57
C GLY A 68 7.64 -22.97 -3.12
N ALA A 69 6.74 -22.33 -3.92
CA ALA A 69 5.32 -22.33 -3.61
C ALA A 69 4.75 -23.75 -3.67
N THR A 70 3.65 -23.97 -2.93
CA THR A 70 2.93 -25.26 -2.84
C THR A 70 1.44 -25.02 -3.18
N HIS A 71 0.62 -26.11 -3.08
CA HIS A 71 -0.83 -25.96 -3.30
C HIS A 71 -1.47 -24.94 -2.32
N SER A 72 -0.89 -24.78 -1.10
CA SER A 72 -1.39 -23.81 -0.10
C SER A 72 -1.33 -22.37 -0.65
N GLU A 73 -0.20 -22.00 -1.30
CA GLU A 73 -0.03 -20.65 -1.86
C GLU A 73 -0.93 -20.44 -3.09
N HIS A 74 -1.16 -21.53 -3.88
CA HIS A 74 -2.07 -21.52 -5.03
C HIS A 74 -3.51 -21.19 -4.55
N ARG A 75 -3.96 -21.83 -3.43
CA ARG A 75 -5.28 -21.56 -2.83
C ARG A 75 -5.35 -20.11 -2.35
N ALA A 76 -4.27 -19.61 -1.69
CA ALA A 76 -4.22 -18.22 -1.19
C ALA A 76 -4.32 -17.18 -2.32
N LEU A 77 -3.63 -17.41 -3.47
CA LEU A 77 -3.69 -16.46 -4.59
C LEU A 77 -5.11 -16.44 -5.22
N MET A 78 -5.80 -17.60 -5.27
CA MET A 78 -7.19 -17.66 -5.78
C MET A 78 -8.14 -16.88 -4.84
N SER A 79 -7.91 -16.97 -3.53
CA SER A 79 -8.73 -16.19 -2.59
C SER A 79 -8.49 -14.68 -2.78
N GLU A 80 -7.23 -14.26 -3.05
CA GLU A 80 -6.90 -12.85 -3.31
C GLU A 80 -7.67 -12.37 -4.55
N LEU A 81 -7.67 -13.17 -5.63
CA LEU A 81 -8.42 -12.82 -6.84
C LEU A 81 -9.91 -12.60 -6.54
N LYS A 82 -10.52 -13.52 -5.76
CA LYS A 82 -11.95 -13.37 -5.41
C LYS A 82 -12.24 -12.09 -4.60
N ILE A 83 -11.36 -11.75 -3.60
CA ILE A 83 -11.60 -10.53 -2.81
C ILE A 83 -11.41 -9.27 -3.65
N LEU A 84 -10.46 -9.26 -4.62
CA LEU A 84 -10.25 -8.08 -5.47
C LEU A 84 -11.48 -7.80 -6.35
N ILE A 85 -12.16 -8.89 -6.83
CA ILE A 85 -13.40 -8.73 -7.62
C ILE A 85 -14.50 -8.09 -6.74
N HIS A 86 -14.67 -8.60 -5.49
CA HIS A 86 -15.65 -8.06 -4.54
C HIS A 86 -15.39 -6.57 -4.27
N ILE A 87 -14.12 -6.21 -3.99
CA ILE A 87 -13.75 -4.82 -3.70
C ILE A 87 -14.12 -3.88 -4.86
N GLY A 88 -13.76 -4.25 -6.07
CA GLY A 88 -14.05 -3.40 -7.22
C GLY A 88 -13.04 -2.30 -7.39
N HIS A 89 -13.32 -1.35 -8.31
CA HIS A 89 -12.34 -0.34 -8.69
C HIS A 89 -12.53 1.06 -8.08
N HIS A 90 -11.37 1.73 -7.91
CA HIS A 90 -11.26 3.12 -7.43
C HIS A 90 -9.95 3.69 -7.95
N LEU A 91 -9.88 5.02 -8.17
CA LEU A 91 -8.63 5.63 -8.64
C LEU A 91 -7.42 5.35 -7.72
N ASN A 92 -7.66 5.29 -6.40
CA ASN A 92 -6.58 5.20 -5.44
C ASN A 92 -6.30 3.78 -4.92
N VAL A 93 -6.63 2.77 -5.74
CA VAL A 93 -6.23 1.38 -5.46
C VAL A 93 -5.60 0.83 -6.74
N VAL A 94 -4.69 -0.19 -6.61
CA VAL A 94 -4.10 -0.85 -7.79
C VAL A 94 -5.20 -1.82 -8.28
N ASN A 95 -5.82 -1.49 -9.44
CA ASN A 95 -6.98 -2.22 -9.93
C ASN A 95 -6.71 -3.50 -10.73
N LEU A 96 -7.61 -4.48 -10.51
CA LEU A 96 -7.65 -5.76 -11.22
C LEU A 96 -8.12 -5.54 -12.67
N LEU A 97 -7.36 -6.11 -13.63
CA LEU A 97 -7.67 -6.07 -15.07
C LEU A 97 -8.14 -7.42 -15.65
N GLY A 98 -7.66 -8.53 -15.06
CA GLY A 98 -8.04 -9.85 -15.55
C GLY A 98 -7.23 -10.93 -14.87
N ALA A 99 -7.47 -12.21 -15.25
CA ALA A 99 -6.74 -13.31 -14.64
C ALA A 99 -6.61 -14.50 -15.59
N CYS A 100 -5.56 -15.32 -15.41
CA CYS A 100 -5.38 -16.57 -16.15
C CYS A 100 -5.52 -17.68 -15.10
N THR A 101 -6.63 -18.48 -15.16
CA THR A 101 -6.91 -19.50 -14.13
C THR A 101 -7.07 -20.92 -14.73
N LYS A 102 -7.19 -21.04 -16.05
CA LYS A 102 -7.41 -22.31 -16.74
C LYS A 102 -6.32 -23.35 -16.50
N PRO A 103 -6.67 -24.65 -16.45
CA PRO A 103 -5.63 -25.68 -16.26
C PRO A 103 -4.55 -25.68 -17.34
N GLY A 104 -3.36 -26.15 -17.01
CA GLY A 104 -2.25 -26.22 -17.98
C GLY A 104 -1.21 -25.12 -17.86
N GLY A 105 -1.45 -24.16 -16.96
CA GLY A 105 -0.54 -23.06 -16.70
C GLY A 105 -0.71 -22.50 -15.30
N PRO A 106 0.18 -21.55 -14.91
CA PRO A 106 0.09 -20.97 -13.56
C PRO A 106 -1.05 -19.97 -13.39
N LEU A 107 -1.52 -19.81 -12.13
CA LEU A 107 -2.54 -18.83 -11.81
C LEU A 107 -1.86 -17.44 -11.88
N MET A 108 -2.43 -16.51 -12.67
CA MET A 108 -1.86 -15.16 -12.85
C MET A 108 -2.92 -14.09 -12.59
N VAL A 109 -2.61 -13.13 -11.68
CA VAL A 109 -3.56 -12.04 -11.36
C VAL A 109 -2.98 -10.77 -12.00
N ILE A 110 -3.72 -10.19 -12.98
CA ILE A 110 -3.20 -9.08 -13.79
C ILE A 110 -3.76 -7.76 -13.31
N VAL A 111 -2.87 -6.80 -13.00
CA VAL A 111 -3.25 -5.47 -12.46
C VAL A 111 -2.63 -4.31 -13.25
N GLU A 112 -3.11 -3.08 -12.97
CA GLU A 112 -2.58 -1.85 -13.58
C GLU A 112 -1.08 -1.68 -13.25
N PHE A 113 -0.30 -1.23 -14.25
CA PHE A 113 1.12 -0.96 -14.08
C PHE A 113 1.32 0.48 -13.54
N CYS A 114 2.15 0.63 -12.47
CA CYS A 114 2.43 1.95 -11.83
C CYS A 114 3.91 2.26 -12.03
N LYS A 115 4.23 3.04 -13.06
CA LYS A 115 5.60 3.21 -13.55
C LYS A 115 6.65 3.72 -12.54
N PHE A 116 6.28 4.48 -11.48
CA PHE A 116 7.30 4.99 -10.58
C PHE A 116 7.58 4.10 -9.35
N GLY A 117 6.87 2.97 -9.24
CA GLY A 117 7.06 2.02 -8.16
C GLY A 117 6.65 2.50 -6.78
N ASN A 118 7.22 1.89 -5.71
CA ASN A 118 6.79 2.19 -4.34
C ASN A 118 7.13 3.61 -3.86
N LEU A 119 6.23 4.17 -3.03
CA LEU A 119 6.34 5.56 -2.55
C LEU A 119 7.54 5.81 -1.62
N SER A 120 7.89 4.81 -0.78
CA SER A 120 9.02 4.98 0.14
C SER A 120 10.34 5.25 -0.62
N THR A 121 10.66 4.39 -1.61
CA THR A 121 11.87 4.53 -2.42
C THR A 121 11.81 5.82 -3.24
N TYR A 122 10.64 6.13 -3.82
CA TYR A 122 10.47 7.33 -4.64
C TYR A 122 10.77 8.59 -3.85
N LEU A 123 10.15 8.78 -2.67
CA LEU A 123 10.37 9.96 -1.85
C LEU A 123 11.81 10.08 -1.37
N ARG A 124 12.46 8.94 -1.01
CA ARG A 124 13.87 8.95 -0.59
C ARG A 124 14.80 9.38 -1.73
N SER A 125 14.49 8.95 -2.98
CA SER A 125 15.26 9.28 -4.18
C SER A 125 15.15 10.76 -4.57
N LYS A 126 14.02 11.41 -4.22
CA LYS A 126 13.75 12.81 -4.54
C LYS A 126 13.92 13.78 -3.35
N ARG A 127 14.39 13.27 -2.19
CA ARG A 127 14.58 14.05 -0.97
C ARG A 127 15.40 15.33 -1.19
N ASN A 128 16.49 15.23 -1.98
CA ASN A 128 17.37 16.36 -2.27
C ASN A 128 16.71 17.49 -3.09
N GLU A 129 15.70 17.17 -3.90
CA GLU A 129 15.02 18.14 -4.77
C GLU A 129 13.88 18.93 -4.11
N PHE A 130 13.40 18.47 -2.93
CA PHE A 130 12.27 19.06 -2.21
C PHE A 130 12.44 20.53 -1.84
N VAL A 131 11.35 21.30 -2.02
CA VAL A 131 11.22 22.72 -1.65
C VAL A 131 9.82 22.88 -1.02
N PRO A 132 9.66 23.47 0.19
CA PRO A 132 8.30 23.57 0.78
C PRO A 132 7.28 24.28 -0.11
N TYR A 133 7.68 25.42 -0.71
CA TYR A 133 6.84 26.19 -1.62
C TYR A 133 7.65 26.60 -2.83
N LYS A 134 7.12 26.41 -4.05
CA LYS A 134 7.79 26.82 -5.28
C LYS A 134 7.65 28.34 -5.42
N VAL A 135 8.78 29.06 -5.44
CA VAL A 135 8.84 30.52 -5.57
C VAL A 135 9.29 30.92 -6.99
N ALA A 136 8.53 31.80 -7.65
CA ALA A 136 8.80 32.29 -9.01
C ALA A 136 10.04 33.22 -9.04
N PRO A 137 10.81 33.33 -10.15
CA PRO A 137 10.60 32.74 -11.49
C PRO A 137 11.37 31.46 -11.84
N GLU A 138 12.55 31.24 -11.24
CA GLU A 138 13.45 30.11 -11.50
C GLU A 138 12.84 28.71 -11.32
N ASP A 139 11.95 28.55 -10.34
CA ASP A 139 11.31 27.26 -10.01
C ASP A 139 10.09 26.89 -10.88
N LEU A 140 9.55 27.85 -11.66
CA LEU A 140 8.33 27.71 -12.49
C LEU A 140 8.33 26.52 -13.47
N TYR A 141 9.48 26.18 -14.08
CA TYR A 141 9.56 25.07 -15.04
C TYR A 141 10.34 23.85 -14.52
N LYS A 142 10.60 23.82 -13.20
CA LYS A 142 11.32 22.72 -12.55
C LYS A 142 10.33 21.81 -11.82
N ASP A 143 10.44 20.48 -12.03
CA ASP A 143 9.57 19.48 -11.42
C ASP A 143 10.12 18.98 -10.08
N PHE A 144 9.97 19.80 -9.03
CA PHE A 144 10.41 19.48 -7.68
C PHE A 144 9.22 19.06 -6.83
N LEU A 145 9.46 18.25 -5.78
CA LEU A 145 8.41 17.89 -4.83
C LEU A 145 8.20 19.07 -3.89
N THR A 146 6.93 19.32 -3.52
CA THR A 146 6.53 20.41 -2.63
C THR A 146 5.63 19.91 -1.49
N LEU A 147 5.30 20.78 -0.52
CA LEU A 147 4.38 20.45 0.59
C LEU A 147 3.02 20.05 0.02
N GLU A 148 2.57 20.74 -1.06
CA GLU A 148 1.31 20.47 -1.77
C GLU A 148 1.27 19.02 -2.30
N HIS A 149 2.39 18.53 -2.89
CA HIS A 149 2.49 17.14 -3.39
C HIS A 149 2.30 16.15 -2.23
N LEU A 150 2.99 16.39 -1.09
CA LEU A 150 2.96 15.50 0.07
C LEU A 150 1.58 15.42 0.73
N ILE A 151 0.89 16.57 0.85
CA ILE A 151 -0.49 16.62 1.39
C ILE A 151 -1.44 15.92 0.40
N CYS A 152 -1.23 16.15 -0.92
CA CYS A 152 -2.04 15.50 -1.96
C CYS A 152 -1.90 13.95 -1.89
N TYR A 153 -0.66 13.42 -1.71
CA TYR A 153 -0.48 11.96 -1.61
C TYR A 153 -1.21 11.43 -0.36
N SER A 154 -1.13 12.19 0.75
CA SER A 154 -1.79 11.84 2.01
C SER A 154 -3.32 11.75 1.85
N PHE A 155 -3.90 12.76 1.18
CA PHE A 155 -5.33 12.84 0.86
C PHE A 155 -5.77 11.66 -0.02
N GLN A 156 -5.00 11.34 -1.07
CA GLN A 156 -5.33 10.22 -1.98
C GLN A 156 -5.34 8.88 -1.24
N VAL A 157 -4.35 8.63 -0.36
CA VAL A 157 -4.32 7.37 0.41
C VAL A 157 -5.56 7.28 1.34
N ALA A 158 -5.92 8.42 2.01
CA ALA A 158 -7.12 8.43 2.85
C ALA A 158 -8.37 8.10 2.01
N LYS A 159 -8.46 8.61 0.75
CA LYS A 159 -9.61 8.32 -0.14
C LYS A 159 -9.66 6.82 -0.49
N GLY A 160 -8.51 6.21 -0.81
CA GLY A 160 -8.47 4.79 -1.12
C GLY A 160 -8.87 3.92 0.07
N MET A 161 -8.42 4.30 1.28
CA MET A 161 -8.77 3.57 2.51
C MET A 161 -10.24 3.74 2.90
N GLU A 162 -10.82 4.95 2.69
CA GLU A 162 -12.25 5.17 2.92
C GLU A 162 -13.05 4.22 1.99
N PHE A 163 -12.59 4.09 0.72
CA PHE A 163 -13.22 3.20 -0.26
C PHE A 163 -13.11 1.73 0.21
N LEU A 164 -11.90 1.28 0.60
CA LEU A 164 -11.72 -0.10 1.09
C LEU A 164 -12.66 -0.41 2.28
N ALA A 165 -12.76 0.52 3.25
CA ALA A 165 -13.64 0.39 4.42
C ALA A 165 -15.12 0.24 3.99
N SER A 166 -15.53 0.98 2.93
CA SER A 166 -16.91 0.91 2.41
C SER A 166 -17.27 -0.45 1.80
N ARG A 167 -16.23 -1.25 1.45
CA ARG A 167 -16.39 -2.59 0.90
C ARG A 167 -16.30 -3.67 2.00
N LYS A 168 -16.26 -3.25 3.28
CA LYS A 168 -16.18 -4.11 4.46
C LYS A 168 -14.89 -4.94 4.49
N CYS A 169 -13.78 -4.32 4.03
CA CYS A 169 -12.45 -4.94 4.03
C CYS A 169 -11.49 -4.08 4.83
N ILE A 170 -10.42 -4.71 5.32
CA ILE A 170 -9.34 -4.05 6.06
C ILE A 170 -7.99 -4.45 5.44
N HIS A 171 -6.99 -3.56 5.52
CA HIS A 171 -5.72 -3.79 4.83
C HIS A 171 -4.77 -4.74 5.57
N ARG A 172 -4.42 -4.40 6.83
CA ARG A 172 -3.55 -5.20 7.74
C ARG A 172 -2.02 -5.02 7.50
N ASP A 173 -1.60 -4.32 6.42
CA ASP A 173 -0.16 -4.06 6.19
C ASP A 173 0.02 -2.70 5.48
N LEU A 174 -0.69 -1.67 5.97
CA LEU A 174 -0.59 -0.33 5.37
C LEU A 174 0.76 0.32 5.75
N ALA A 175 1.50 0.80 4.73
CA ALA A 175 2.85 1.38 4.85
C ALA A 175 3.22 1.99 3.50
N ALA A 176 4.24 2.88 3.47
CA ALA A 176 4.69 3.51 2.21
C ALA A 176 5.19 2.49 1.17
N ARG A 177 5.77 1.37 1.64
CA ARG A 177 6.24 0.28 0.74
C ARG A 177 5.06 -0.38 -0.04
N ASN A 178 3.81 -0.23 0.47
CA ASN A 178 2.59 -0.76 -0.13
C ASN A 178 1.72 0.34 -0.77
N ILE A 179 2.34 1.46 -1.18
CA ILE A 179 1.70 2.52 -1.95
C ILE A 179 2.52 2.64 -3.24
N LEU A 180 1.86 2.62 -4.43
CA LEU A 180 2.58 2.78 -5.69
C LEU A 180 2.26 4.12 -6.34
N LEU A 181 3.24 4.69 -7.08
CA LEU A 181 3.02 5.96 -7.76
C LEU A 181 2.92 5.73 -9.27
N SER A 182 1.84 6.23 -9.86
CA SER A 182 1.59 6.14 -11.30
C SER A 182 1.80 7.53 -11.94
N GLU A 183 1.28 7.71 -13.16
CA GLU A 183 1.40 8.98 -13.90
C GLU A 183 0.48 10.05 -13.28
N LYS A 184 0.74 11.33 -13.59
CA LYS A 184 -0.08 12.48 -13.17
C LYS A 184 -0.27 12.58 -11.65
N ASN A 185 0.79 12.24 -10.87
CA ASN A 185 0.83 12.29 -9.41
C ASN A 185 -0.26 11.45 -8.71
N VAL A 186 -0.75 10.38 -9.38
CA VAL A 186 -1.77 9.50 -8.78
C VAL A 186 -1.07 8.39 -7.96
N VAL A 187 -1.47 8.24 -6.67
CA VAL A 187 -0.97 7.17 -5.79
C VAL A 187 -2.05 6.10 -5.57
N LYS A 188 -1.63 4.82 -5.46
CA LYS A 188 -2.55 3.69 -5.36
C LYS A 188 -2.15 2.72 -4.26
N ILE A 189 -3.10 2.34 -3.40
CA ILE A 189 -2.84 1.33 -2.37
C ILE A 189 -2.71 -0.07 -3.02
N CYS A 190 -1.74 -0.86 -2.54
CA CYS A 190 -1.54 -2.23 -3.01
C CYS A 190 -1.19 -3.12 -1.80
N ASP A 191 -0.98 -4.44 -2.06
CA ASP A 191 -0.48 -5.39 -1.07
C ASP A 191 0.38 -6.38 -1.84
N PHE A 192 1.71 -6.27 -1.71
CA PHE A 192 2.61 -7.21 -2.36
C PHE A 192 2.44 -8.65 -1.86
N GLY A 193 2.10 -8.82 -0.57
CA GLY A 193 1.91 -10.14 0.02
C GLY A 193 3.08 -11.08 -0.22
N LEU A 194 2.79 -12.24 -0.86
CA LEU A 194 3.79 -13.29 -1.15
C LEU A 194 4.91 -12.86 -2.12
N ALA A 195 4.69 -11.76 -2.86
CA ALA A 195 5.67 -11.23 -3.79
C ALA A 195 6.76 -10.39 -3.10
N ARG A 196 6.68 -10.23 -1.76
CA ARG A 196 7.73 -9.59 -0.98
C ARG A 196 8.36 -10.70 -0.10
N ASP A 197 9.70 -10.74 0.00
CA ASP A 197 10.36 -11.72 0.86
C ASP A 197 10.47 -11.18 2.30
N ILE A 198 9.42 -11.41 3.11
CA ILE A 198 9.31 -10.90 4.48
C ILE A 198 10.39 -11.46 5.42
N TYR A 199 10.97 -12.62 5.08
CA TYR A 199 12.01 -13.22 5.91
C TYR A 199 13.38 -12.56 5.69
N LYS A 200 13.53 -11.79 4.60
CA LYS A 200 14.74 -11.06 4.23
C LYS A 200 14.62 -9.54 4.49
N ASP A 201 13.39 -9.03 4.62
CA ASP A 201 13.06 -7.60 4.77
C ASP A 201 13.16 -7.09 6.21
N PRO A 202 13.96 -6.02 6.45
CA PRO A 202 14.12 -5.50 7.83
C PRO A 202 12.87 -4.85 8.44
N ASP A 203 11.85 -4.53 7.62
CA ASP A 203 10.58 -3.95 8.10
C ASP A 203 9.70 -5.00 8.80
N TYR A 204 10.05 -6.30 8.68
CA TYR A 204 9.30 -7.39 9.31
C TYR A 204 10.18 -8.04 10.36
N VAL A 205 9.67 -8.15 11.61
CA VAL A 205 10.41 -8.65 12.78
C VAL A 205 9.80 -9.96 13.29
N ARG A 206 10.64 -10.92 13.72
CA ARG A 206 10.18 -12.19 14.28
C ARG A 206 9.43 -11.93 15.59
N LYS A 207 8.19 -12.42 15.68
CA LYS A 207 7.31 -12.31 16.84
C LYS A 207 6.57 -13.64 16.95
N GLY A 208 7.06 -14.49 17.84
CA GLY A 208 6.55 -15.85 18.03
C GLY A 208 7.10 -16.74 16.94
N ASP A 209 6.33 -16.95 15.87
CA ASP A 209 6.73 -17.76 14.72
C ASP A 209 6.71 -16.93 13.41
N ALA A 210 5.71 -16.05 13.27
CA ALA A 210 5.53 -15.19 12.09
C ALA A 210 6.41 -13.93 12.10
N ARG A 211 6.64 -13.35 10.91
CA ARG A 211 7.43 -12.13 10.71
C ARG A 211 6.41 -11.02 10.48
N LEU A 212 6.33 -10.06 11.43
CA LEU A 212 5.32 -9.00 11.43
C LEU A 212 5.87 -7.57 11.28
N PRO A 213 5.08 -6.64 10.68
CA PRO A 213 5.56 -5.25 10.51
C PRO A 213 5.37 -4.41 11.78
N LEU A 214 6.10 -4.76 12.85
CA LEU A 214 5.99 -4.17 14.17
C LEU A 214 5.95 -2.65 14.21
N LYS A 215 6.83 -1.96 13.46
CA LYS A 215 6.87 -0.48 13.48
C LYS A 215 5.60 0.21 12.93
N TRP A 216 4.69 -0.55 12.25
CA TRP A 216 3.45 0.00 11.69
C TRP A 216 2.20 -0.44 12.46
N MET A 217 2.38 -1.32 13.47
CA MET A 217 1.26 -1.93 14.19
C MET A 217 0.76 -1.18 15.44
N ALA A 218 -0.58 -1.06 15.55
CA ALA A 218 -1.23 -0.45 16.71
C ALA A 218 -0.99 -1.32 17.96
N PRO A 219 -0.98 -0.73 19.18
CA PRO A 219 -0.73 -1.54 20.40
C PRO A 219 -1.69 -2.72 20.57
N GLU A 220 -2.99 -2.57 20.22
CA GLU A 220 -3.96 -3.67 20.31
C GLU A 220 -3.63 -4.80 19.31
N THR A 221 -2.93 -4.49 18.21
CA THR A 221 -2.53 -5.52 17.25
C THR A 221 -1.31 -6.28 17.81
N ILE A 222 -0.32 -5.53 18.36
CA ILE A 222 0.89 -6.13 18.92
C ILE A 222 0.54 -7.03 20.12
N PHE A 223 -0.20 -6.48 21.09
CA PHE A 223 -0.52 -7.16 22.35
C PHE A 223 -1.72 -8.08 22.33
N ASP A 224 -2.75 -7.78 21.51
CA ASP A 224 -3.99 -8.58 21.53
C ASP A 224 -4.30 -9.29 20.22
N ARG A 225 -3.48 -9.11 19.16
CA ARG A 225 -3.70 -9.69 17.83
C ARG A 225 -5.03 -9.21 17.20
N VAL A 226 -5.46 -7.99 17.57
CA VAL A 226 -6.71 -7.40 17.08
C VAL A 226 -6.44 -6.58 15.81
N TYR A 227 -7.18 -6.86 14.72
CA TYR A 227 -7.07 -6.14 13.44
C TYR A 227 -8.45 -5.56 13.09
N THR A 228 -8.55 -4.21 12.99
CA THR A 228 -9.80 -3.55 12.61
C THR A 228 -9.46 -2.38 11.68
N ILE A 229 -10.49 -1.69 11.15
CA ILE A 229 -10.26 -0.48 10.35
C ILE A 229 -9.54 0.60 11.19
N GLN A 230 -9.76 0.63 12.54
CA GLN A 230 -9.11 1.62 13.39
C GLN A 230 -7.62 1.27 13.66
N SER A 231 -7.22 -0.04 13.55
CA SER A 231 -5.77 -0.35 13.60
C SER A 231 -5.12 0.10 12.28
N ASP A 232 -5.88 0.06 11.15
CA ASP A 232 -5.38 0.61 9.88
C ASP A 232 -5.17 2.15 9.99
N VAL A 233 -6.02 2.86 10.79
CA VAL A 233 -5.83 4.31 10.99
C VAL A 233 -4.47 4.56 11.69
N TRP A 234 -4.10 3.70 12.70
CA TRP A 234 -2.80 3.84 13.36
C TRP A 234 -1.68 3.72 12.30
N SER A 235 -1.75 2.67 11.44
CA SER A 235 -0.77 2.44 10.37
C SER A 235 -0.70 3.64 9.41
N PHE A 236 -1.87 4.27 9.10
CA PHE A 236 -1.93 5.47 8.27
C PHE A 236 -1.13 6.62 8.92
N GLY A 237 -1.16 6.71 10.26
CA GLY A 237 -0.37 7.71 11.00
C GLY A 237 1.13 7.49 10.76
N VAL A 238 1.57 6.22 10.81
CA VAL A 238 2.97 5.85 10.54
C VAL A 238 3.32 6.21 9.07
N LEU A 239 2.40 5.91 8.12
N LEU A 239 2.41 5.91 8.10
CA LEU A 239 2.52 6.23 6.70
CA LEU A 239 2.60 6.26 6.68
C LEU A 239 2.73 7.76 6.49
C LEU A 239 2.77 7.79 6.51
N LEU A 240 1.98 8.60 7.23
CA LEU A 240 2.09 10.07 7.18
C LEU A 240 3.50 10.49 7.63
N TRP A 241 4.03 9.84 8.70
CA TRP A 241 5.39 10.12 9.17
C TRP A 241 6.40 9.77 8.07
N GLU A 242 6.19 8.61 7.36
CA GLU A 242 7.10 8.24 6.25
C GLU A 242 7.06 9.30 5.14
N ILE A 243 5.85 9.83 4.80
CA ILE A 243 5.74 10.83 3.73
C ILE A 243 6.46 12.14 4.13
N PHE A 244 6.21 12.65 5.34
CA PHE A 244 6.78 13.94 5.77
C PHE A 244 8.22 13.83 6.33
N SER A 245 8.85 12.62 6.22
CA SER A 245 10.28 12.42 6.54
C SER A 245 10.98 12.22 5.18
N LEU A 246 10.20 12.23 4.08
CA LEU A 246 10.68 11.97 2.73
C LEU A 246 11.38 10.58 2.62
N GLY A 247 10.64 9.54 3.02
CA GLY A 247 11.08 8.15 2.89
C GLY A 247 12.02 7.58 3.94
N ALA A 248 12.07 8.17 5.15
CA ALA A 248 12.93 7.63 6.21
C ALA A 248 12.25 6.42 6.87
N SER A 249 13.03 5.64 7.64
CA SER A 249 12.53 4.47 8.36
C SER A 249 11.97 4.91 9.73
N PRO A 250 10.76 4.47 10.16
CA PRO A 250 10.21 4.90 11.47
C PRO A 250 11.06 4.54 12.70
N TYR A 251 10.82 5.27 13.81
CA TYR A 251 11.50 5.13 15.11
C TYR A 251 13.03 5.11 14.95
N PRO A 252 13.64 6.18 14.38
CA PRO A 252 15.11 6.16 14.16
C PRO A 252 15.94 5.89 15.40
N GLY A 253 16.86 4.93 15.28
CA GLY A 253 17.79 4.50 16.33
C GLY A 253 17.19 3.71 17.48
N VAL A 254 15.90 3.31 17.37
CA VAL A 254 15.21 2.55 18.43
C VAL A 254 15.27 1.03 18.13
N LYS A 255 15.72 0.23 19.11
CA LYS A 255 15.76 -1.24 18.98
C LYS A 255 14.31 -1.73 19.12
N ILE A 256 13.82 -2.49 18.11
CA ILE A 256 12.43 -2.98 18.11
C ILE A 256 12.36 -4.32 18.87
N ASP A 257 12.23 -4.21 20.19
CA ASP A 257 12.18 -5.34 21.13
C ASP A 257 11.00 -5.21 22.12
N GLU A 258 10.97 -6.09 23.16
CA GLU A 258 9.97 -6.12 24.21
C GLU A 258 9.77 -4.74 24.88
N GLU A 259 10.89 -4.02 25.14
CA GLU A 259 10.92 -2.69 25.73
C GLU A 259 10.21 -1.64 24.86
N PHE A 260 10.45 -1.68 23.54
CA PHE A 260 9.79 -0.78 22.58
C PHE A 260 8.26 -0.90 22.68
N CYS A 261 7.74 -2.15 22.63
CA CYS A 261 6.31 -2.46 22.69
C CYS A 261 5.65 -1.93 23.99
N ARG A 262 6.35 -2.05 25.13
CA ARG A 262 5.85 -1.58 26.43
C ARG A 262 5.76 -0.04 26.47
N ARG A 263 6.81 0.65 25.98
CA ARG A 263 6.84 2.12 25.91
C ARG A 263 5.71 2.64 25.01
N LEU A 264 5.46 1.95 23.87
CA LEU A 264 4.38 2.30 22.96
C LEU A 264 3.02 2.17 23.65
N LYS A 265 2.79 1.03 24.32
CA LYS A 265 1.55 0.73 25.07
C LYS A 265 1.27 1.79 26.14
N GLU A 266 2.34 2.37 26.76
CA GLU A 266 2.24 3.38 27.81
C GLU A 266 2.02 4.82 27.29
N GLY A 267 2.14 5.02 25.98
CA GLY A 267 1.88 6.33 25.36
C GLY A 267 3.05 7.03 24.70
N THR A 268 4.24 6.39 24.66
CA THR A 268 5.45 6.96 24.03
C THR A 268 5.26 7.01 22.51
N ARG A 269 5.60 8.16 21.88
CA ARG A 269 5.40 8.35 20.43
C ARG A 269 6.63 8.89 19.70
N MET A 270 6.62 8.79 18.36
CA MET A 270 7.68 9.34 17.51
C MET A 270 7.67 10.88 17.57
N ARG A 271 8.87 11.48 17.45
CA ARG A 271 9.02 12.93 17.35
C ARG A 271 8.65 13.35 15.91
N ALA A 272 8.38 14.63 15.69
CA ALA A 272 8.04 15.18 14.37
C ALA A 272 9.13 14.95 13.30
N PRO A 273 8.75 14.54 12.07
CA PRO A 273 9.77 14.36 11.02
C PRO A 273 10.22 15.73 10.46
N ASP A 274 11.37 15.76 9.77
CA ASP A 274 12.01 16.99 9.27
C ASP A 274 11.20 17.87 8.29
N TYR A 275 10.22 17.32 7.55
CA TYR A 275 9.52 18.14 6.54
C TYR A 275 8.02 18.35 6.83
N THR A 276 7.59 18.09 8.07
CA THR A 276 6.17 18.26 8.45
C THR A 276 5.77 19.72 8.72
N THR A 277 4.46 19.98 8.69
CA THR A 277 3.84 21.24 9.11
C THR A 277 3.28 20.93 10.51
N PRO A 278 3.00 21.94 11.38
CA PRO A 278 2.42 21.62 12.71
C PRO A 278 1.10 20.84 12.64
N GLU A 279 0.19 21.20 11.71
CA GLU A 279 -1.10 20.51 11.56
C GLU A 279 -0.95 19.06 11.10
N MET A 280 0.04 18.76 10.23
CA MET A 280 0.25 17.37 9.81
C MET A 280 0.77 16.51 10.97
N TYR A 281 1.65 17.08 11.85
CA TYR A 281 2.14 16.32 13.01
C TYR A 281 1.01 16.06 14.02
N GLN A 282 0.09 17.04 14.21
CA GLN A 282 -1.05 16.82 15.11
C GLN A 282 -1.95 15.71 14.56
N THR A 283 -2.10 15.63 13.20
CA THR A 283 -2.87 14.57 12.55
C THR A 283 -2.25 13.18 12.85
N MET A 284 -0.90 13.07 12.80
CA MET A 284 -0.16 11.83 13.12
C MET A 284 -0.48 11.43 14.58
N LEU A 285 -0.35 12.39 15.53
CA LEU A 285 -0.66 12.11 16.94
C LEU A 285 -2.10 11.64 17.18
N ASP A 286 -3.07 12.24 16.45
CA ASP A 286 -4.48 11.85 16.52
C ASP A 286 -4.71 10.39 16.04
N CYS A 287 -4.00 9.97 14.96
CA CYS A 287 -4.09 8.59 14.44
C CYS A 287 -3.47 7.62 15.45
N TRP A 288 -2.58 8.13 16.33
CA TRP A 288 -1.89 7.30 17.32
C TRP A 288 -2.52 7.35 18.71
N HIS A 289 -3.83 7.69 18.82
CA HIS A 289 -4.51 7.68 20.12
C HIS A 289 -4.48 6.24 20.64
N GLY A 290 -4.23 6.05 21.94
CA GLY A 290 -4.19 4.72 22.54
C GLY A 290 -5.49 3.96 22.44
N GLU A 291 -6.63 4.68 22.43
CA GLU A 291 -7.98 4.12 22.34
C GLU A 291 -8.43 4.09 20.85
N PRO A 292 -8.65 2.90 20.24
CA PRO A 292 -9.01 2.85 18.81
C PRO A 292 -10.23 3.68 18.38
N SER A 293 -11.29 3.70 19.22
CA SER A 293 -12.53 4.45 18.94
C SER A 293 -12.32 5.97 18.95
N GLN A 294 -11.21 6.43 19.57
CA GLN A 294 -10.91 7.86 19.69
C GLN A 294 -9.99 8.37 18.57
N ARG A 295 -9.51 7.47 17.71
CA ARG A 295 -8.72 7.85 16.54
C ARG A 295 -9.74 8.35 15.50
N PRO A 296 -9.36 9.27 14.58
CA PRO A 296 -10.34 9.68 13.54
C PRO A 296 -10.66 8.50 12.62
N THR A 297 -11.79 8.59 11.90
CA THR A 297 -12.15 7.60 10.88
C THR A 297 -11.53 8.04 9.55
N PHE A 298 -11.48 7.13 8.54
CA PHE A 298 -10.96 7.52 7.22
C PHE A 298 -11.83 8.61 6.57
N SER A 299 -13.17 8.57 6.78
CA SER A 299 -14.06 9.63 6.25
C SER A 299 -13.71 11.00 6.85
N GLU A 300 -13.42 11.04 8.16
CA GLU A 300 -13.03 12.28 8.84
C GLU A 300 -11.64 12.76 8.35
N LEU A 301 -10.71 11.82 8.08
CA LEU A 301 -9.37 12.17 7.56
C LEU A 301 -9.47 12.74 6.13
N VAL A 302 -10.40 12.19 5.30
CA VAL A 302 -10.62 12.68 3.92
C VAL A 302 -11.05 14.16 3.95
N GLU A 303 -12.00 14.50 4.86
CA GLU A 303 -12.50 15.88 5.02
C GLU A 303 -11.37 16.82 5.46
N HIS A 304 -10.62 16.42 6.49
CA HIS A 304 -9.53 17.22 7.09
C HIS A 304 -8.40 17.47 6.11
N LEU A 305 -7.94 16.40 5.42
CA LEU A 305 -6.84 16.53 4.46
C LEU A 305 -7.25 17.29 3.20
N GLY A 306 -8.51 17.15 2.79
CA GLY A 306 -9.06 17.90 1.65
C GLY A 306 -9.05 19.39 1.94
N ASN A 307 -9.41 19.76 3.18
CA ASN A 307 -9.41 21.16 3.61
C ASN A 307 -7.97 21.71 3.72
N LEU A 308 -7.01 20.91 4.24
CA LEU A 308 -5.58 21.30 4.35
C LEU A 308 -4.94 21.47 2.98
N LEU A 309 -5.27 20.59 2.01
CA LEU A 309 -4.75 20.63 0.64
C LEU A 309 -5.18 21.91 -0.08
N GLN A 310 -6.43 22.32 0.12
CA GLN A 310 -6.98 23.54 -0.46
C GLN A 310 -6.35 24.78 0.21
N ALA A 311 -6.14 24.71 1.54
CA ALA A 311 -5.53 25.75 2.35
C ALA A 311 -4.03 25.94 2.04
N ASN A 312 -3.34 24.89 1.54
CA ASN A 312 -1.93 24.96 1.19
C ASN A 312 -1.74 25.75 -0.11
C1 F8B B . -6.20 -3.15 -3.07
C2 F8B B . -5.79 -2.41 -1.81
C3 F8B B . -5.38 -4.41 -3.24
C7 F8B B . -0.07 -6.37 -6.52
C8 F8B B . 0.76 -5.57 -5.73
C9 F8B B . 1.93 -5.04 -6.24
C10 F8B B . 2.28 -5.29 -7.56
C11 F8B B . 1.46 -6.07 -8.37
C12 F8B B . 0.29 -6.60 -7.85
C13 F8B B . 3.35 -3.74 -9.02
C14 F8B B . 4.56 -3.06 -9.40
C15 F8B B . 5.85 -3.34 -8.89
C16 F8B B . 6.93 -2.63 -9.32
C19 F8B B . 4.40 -2.04 -10.37
C20 F8B B . 2.15 -2.43 -10.45
C21 F8B B . 7.88 0.02 -11.67
C22 F8B B . 8.44 -3.74 -7.81
O F8B B . -1.87 -5.09 -4.80
C6 F8B B . -2.12 -6.23 -5.21
C5 F8B B . -3.39 -6.95 -4.82
N F8B B . -4.19 -6.03 -4.02
C4 F8B B . -4.77 -4.86 -4.38
N1 F8B B . -4.41 -6.30 -2.72
N2 F8B B . -5.14 -5.31 -2.24
C F8B B . -7.67 -3.46 -3.04
N3 F8B B . -1.29 -6.90 -6.04
O1 F8B B . 3.45 -4.75 -8.08
N5 F8B B . 2.17 -3.42 -9.55
N4 F8B B . 3.18 -1.71 -10.90
C18 F8B B . 5.54 -1.31 -10.79
C17 F8B B . 6.78 -1.60 -10.28
O2 F8B B . 7.94 -0.96 -10.63
O3 F8B B . 8.22 -2.82 -8.88
#